data_1U9K
#
_entry.id   1U9K
#
_cell.length_a   47.837
_cell.length_b   49.081
_cell.length_c   125.208
_cell.angle_alpha   90.00
_cell.angle_beta   90.00
_cell.angle_gamma   90.00
#
_symmetry.space_group_name_H-M   'P 21 21 21'
#
loop_
_entity.id
_entity.type
_entity.pdbx_description
1 polymer 'triggering receptor expressed on myeloid cells 1'
2 non-polymer 'ZINC ION'
3 water water
#
_entity_poly.entity_id   1
_entity_poly.type   'polypeptide(L)'
_entity_poly.pdbx_seq_one_letter_code
;AIVLEEERYDLVEGQTLTVKCPFNIMKYANSQKAWQRLPDGKEPLTLVVTQRPFTRPSEVHMGKFTLKHDPSEAMLQVQM
TDLQVTDSGLYRCVIYHPPNDPVVLFHPVRLVVT
;
_entity_poly.pdbx_strand_id   A,B
#
# COMPACT_ATOMS: atom_id res chain seq x y z
N GLU A 5 8.65 -12.91 -16.45
CA GLU A 5 8.48 -11.97 -15.32
C GLU A 5 7.74 -10.70 -15.73
N GLU A 6 7.67 -10.43 -17.03
CA GLU A 6 6.97 -9.25 -17.52
C GLU A 6 5.48 -9.55 -17.47
N GLU A 7 4.69 -8.51 -17.27
CA GLU A 7 3.23 -8.62 -17.27
C GLU A 7 2.67 -7.87 -18.50
N ARG A 8 1.77 -8.50 -19.24
CA ARG A 8 1.15 -7.88 -20.38
C ARG A 8 0.05 -6.88 -19.91
N TYR A 9 0.05 -5.71 -20.51
CA TYR A 9 -1.00 -4.73 -20.35
C TYR A 9 -1.50 -4.45 -21.76
N ASP A 10 -2.70 -4.89 -22.09
CA ASP A 10 -3.28 -4.78 -23.44
C ASP A 10 -4.28 -3.63 -23.45
N LEU A 11 -4.07 -2.62 -24.29
CA LEU A 11 -4.94 -1.47 -24.25
C LEU A 11 -5.17 -1.03 -25.70
N VAL A 12 -6.16 -0.16 -25.84
CA VAL A 12 -6.56 0.41 -27.10
C VAL A 12 -5.95 1.77 -27.13
N GLU A 13 -5.56 2.16 -28.32
CA GLU A 13 -5.08 3.53 -28.54
C GLU A 13 -6.10 4.60 -28.09
N GLY A 14 -5.58 5.63 -27.40
CA GLY A 14 -6.38 6.65 -26.79
C GLY A 14 -6.66 6.44 -25.31
N GLN A 15 -6.46 5.22 -24.83
CA GLN A 15 -6.70 4.92 -23.41
C GLN A 15 -5.51 5.51 -22.66
N THR A 16 -5.61 5.44 -21.35
CA THR A 16 -4.54 5.80 -20.43
C THR A 16 -4.08 4.51 -19.74
N LEU A 17 -2.77 4.33 -19.73
CA LEU A 17 -2.14 3.26 -18.97
C LEU A 17 -1.93 3.72 -17.54
N THR A 18 -2.32 2.91 -16.57
CA THR A 18 -2.02 3.20 -15.17
C THR A 18 -1.30 1.99 -14.60
N VAL A 19 -0.17 2.21 -13.93
CA VAL A 19 0.65 1.17 -13.36
C VAL A 19 0.96 1.61 -11.94
N LYS A 20 0.70 0.72 -10.99
CA LYS A 20 0.98 0.94 -9.55
C LYS A 20 2.18 0.10 -9.18
N CYS A 21 3.27 0.78 -8.86
CA CYS A 21 4.53 0.18 -8.48
C CYS A 21 4.85 0.36 -7.00
N PRO A 22 4.68 -0.66 -6.19
CA PRO A 22 5.08 -0.52 -4.80
C PRO A 22 6.59 -0.33 -4.67
N PHE A 23 7.03 0.40 -3.65
CA PHE A 23 8.44 0.44 -3.30
C PHE A 23 8.62 0.27 -1.80
N ASN A 24 9.75 -0.30 -1.41
CA ASN A 24 10.07 -0.49 -0.01
C ASN A 24 10.49 0.84 0.61
N ILE A 25 9.65 1.39 1.51
CA ILE A 25 9.89 2.70 2.13
C ILE A 25 11.07 2.69 3.04
N MET A 26 11.35 1.56 3.68
CA MET A 26 12.50 1.50 4.57
C MET A 26 13.80 1.73 3.82
N LYS A 27 13.88 1.25 2.59
CA LYS A 27 15.09 1.37 1.78
C LYS A 27 15.14 2.60 0.88
N TYR A 28 14.00 2.96 0.32
CA TYR A 28 13.98 3.86 -0.82
C TYR A 28 13.18 5.11 -0.55
N ALA A 29 12.92 5.45 0.72
CA ALA A 29 12.16 6.68 1.04
C ALA A 29 12.83 7.91 0.41
N ASN A 30 14.15 8.00 0.57
CA ASN A 30 14.93 9.15 0.11
C ASN A 30 15.69 8.85 -1.20
N SER A 31 15.09 8.05 -2.05
CA SER A 31 15.67 7.76 -3.34
C SER A 31 14.78 8.33 -4.43
N GLN A 32 15.41 8.68 -5.53
CA GLN A 32 14.71 9.02 -6.73
C GLN A 32 14.08 7.76 -7.39
N LYS A 33 12.95 7.98 -8.03
CA LYS A 33 12.28 6.95 -8.81
C LYS A 33 12.05 7.41 -10.23
N ALA A 34 11.91 6.43 -11.12
CA ALA A 34 11.77 6.73 -12.52
C ALA A 34 10.95 5.69 -13.23
N TRP A 35 10.37 6.13 -14.34
CA TRP A 35 9.74 5.28 -15.33
C TRP A 35 10.64 5.22 -16.56
N GLN A 36 10.91 4.02 -17.05
CA GLN A 36 11.82 3.77 -18.15
C GLN A 36 11.17 2.95 -19.24
N ARG A 37 11.55 3.20 -20.47
CA ARG A 37 11.24 2.30 -21.54
C ARG A 37 12.52 1.50 -21.86
N LEU A 38 12.31 0.28 -22.29
CA LEU A 38 13.43 -0.63 -22.58
C LEU A 38 13.40 -1.06 -24.03
N PRO A 39 13.93 -0.23 -24.93
CA PRO A 39 14.05 -0.64 -26.33
C PRO A 39 15.04 -1.80 -26.45
N ASP A 40 14.71 -2.69 -27.33
CA ASP A 40 15.51 -3.84 -27.66
C ASP A 40 16.87 -3.44 -28.15
N GLY A 41 17.91 -3.89 -27.42
CA GLY A 41 19.29 -3.79 -27.88
C GLY A 41 19.85 -2.39 -27.68
N LYS A 42 19.17 -1.60 -26.87
CA LYS A 42 19.53 -0.19 -26.57
C LYS A 42 19.56 0.09 -25.10
N GLU A 43 20.09 1.24 -24.68
CA GLU A 43 20.06 1.59 -23.28
C GLU A 43 18.64 1.94 -22.88
N PRO A 44 18.25 1.67 -21.63
CA PRO A 44 16.97 2.14 -21.09
C PRO A 44 16.82 3.65 -21.36
N LEU A 45 15.61 4.07 -21.69
CA LEU A 45 15.24 5.49 -21.83
C LEU A 45 14.47 5.88 -20.60
N THR A 46 15.00 6.85 -19.89
CA THR A 46 14.36 7.39 -18.74
C THR A 46 13.36 8.45 -19.17
N LEU A 47 12.10 8.22 -18.87
CA LEU A 47 11.02 8.99 -19.43
C LEU A 47 10.58 10.10 -18.46
N VAL A 48 10.61 9.85 -17.15
CA VAL A 48 10.13 10.78 -16.15
C VAL A 48 10.70 10.33 -14.83
N VAL A 49 11.09 11.30 -14.03
CA VAL A 49 11.70 11.05 -12.73
C VAL A 49 11.04 11.87 -11.65
N THR A 50 11.10 11.39 -10.40
CA THR A 50 10.66 12.22 -9.29
C THR A 50 11.68 13.28 -8.98
N GLN A 51 11.26 14.29 -8.23
CA GLN A 51 12.15 15.40 -7.89
C GLN A 51 12.35 15.54 -6.39
N ARG A 52 13.42 16.25 -6.04
CA ARG A 52 13.78 16.50 -4.66
C ARG A 52 12.75 17.43 -4.02
N PRO A 53 12.48 17.31 -2.70
CA PRO A 53 13.05 16.28 -1.80
C PRO A 53 12.38 14.95 -2.04
N PHE A 54 13.19 13.89 -2.13
CA PHE A 54 12.70 12.63 -2.64
C PHE A 54 11.76 11.93 -1.68
N THR A 55 11.81 12.30 -0.42
CA THR A 55 10.88 11.73 0.58
C THR A 55 9.45 12.35 0.52
N ARG A 56 9.26 13.45 -0.20
CA ARG A 56 8.02 14.17 -0.16
C ARG A 56 7.03 13.64 -1.20
N PRO A 57 5.75 13.55 -0.88
CA PRO A 57 4.74 13.21 -1.91
C PRO A 57 4.80 14.21 -3.06
N SER A 58 4.69 13.75 -4.28
CA SER A 58 4.81 14.63 -5.45
C SER A 58 4.08 14.03 -6.61
N GLU A 59 3.80 14.89 -7.57
CA GLU A 59 3.29 14.45 -8.83
C GLU A 59 3.96 15.26 -9.92
N VAL A 60 4.63 14.59 -10.84
CA VAL A 60 5.36 15.28 -11.89
C VAL A 60 4.76 14.89 -13.25
N HIS A 61 4.61 15.89 -14.11
CA HIS A 61 4.16 15.70 -15.49
C HIS A 61 5.34 15.89 -16.46
N MET A 62 5.41 15.05 -17.48
CA MET A 62 6.43 15.16 -18.49
C MET A 62 5.77 14.63 -19.73
N GLY A 63 5.26 15.52 -20.56
CA GLY A 63 4.56 15.12 -21.79
C GLY A 63 3.31 14.33 -21.44
N LYS A 64 3.17 13.12 -21.98
CA LYS A 64 2.01 12.26 -21.65
C LYS A 64 2.22 11.42 -20.40
N PHE A 65 3.34 11.62 -19.74
CA PHE A 65 3.67 10.81 -18.56
C PHE A 65 3.33 11.61 -17.29
N THR A 66 2.78 10.91 -16.30
CA THR A 66 2.59 11.44 -14.99
C THR A 66 3.11 10.40 -14.01
N LEU A 67 3.93 10.84 -13.06
CA LEU A 67 4.39 9.99 -11.98
C LEU A 67 3.86 10.52 -10.71
N LYS A 68 3.16 9.71 -9.96
CA LYS A 68 2.69 10.13 -8.67
C LYS A 68 3.54 9.38 -7.68
N HIS A 69 4.23 10.13 -6.84
CA HIS A 69 4.99 9.59 -5.74
C HIS A 69 4.17 9.67 -4.47
N ASP A 70 3.72 8.50 -3.99
CA ASP A 70 2.81 8.42 -2.89
C ASP A 70 3.41 7.61 -1.75
N PRO A 71 4.36 8.17 -1.02
CA PRO A 71 5.02 7.40 0.03
C PRO A 71 4.10 7.04 1.16
N SER A 72 3.03 7.83 1.40
CA SER A 72 2.03 7.44 2.34
C SER A 72 1.46 6.04 2.09
N GLU A 73 1.46 5.59 0.85
CA GLU A 73 0.96 4.25 0.45
C GLU A 73 2.10 3.34 -0.02
N ALA A 74 3.35 3.81 0.16
CA ALA A 74 4.56 3.14 -0.31
C ALA A 74 4.39 2.76 -1.78
N MET A 75 3.98 3.73 -2.59
CA MET A 75 3.49 3.50 -3.95
C MET A 75 4.01 4.61 -4.90
N LEU A 76 4.45 4.21 -6.07
CA LEU A 76 4.67 5.12 -7.18
C LEU A 76 3.64 4.75 -8.24
N GLN A 77 2.81 5.67 -8.71
CA GLN A 77 1.87 5.37 -9.81
C GLN A 77 2.26 6.09 -11.08
N VAL A 78 2.28 5.37 -12.18
CA VAL A 78 2.61 5.96 -13.46
C VAL A 78 1.38 5.99 -14.34
N GLN A 79 1.14 7.09 -15.06
CA GLN A 79 0.07 7.14 -16.02
C GLN A 79 0.67 7.63 -17.32
N MET A 80 0.30 7.01 -18.43
CA MET A 80 0.62 7.49 -19.79
C MET A 80 -0.70 7.69 -20.46
N THR A 81 -0.98 8.90 -20.91
CA THR A 81 -2.25 9.23 -21.46
C THR A 81 -2.18 9.19 -22.96
N ASP A 82 -3.35 9.06 -23.57
CA ASP A 82 -3.52 9.12 -25.01
C ASP A 82 -2.54 8.17 -25.67
N LEU A 83 -2.60 6.91 -25.27
CA LEU A 83 -1.70 5.90 -25.81
C LEU A 83 -1.78 5.78 -27.32
N GLN A 84 -0.64 5.59 -27.94
CA GLN A 84 -0.55 5.34 -29.36
C GLN A 84 0.01 3.95 -29.59
N VAL A 85 -0.27 3.40 -30.77
CA VAL A 85 0.23 2.06 -31.07
C VAL A 85 1.77 2.01 -30.95
N THR A 86 2.44 3.07 -31.37
CA THR A 86 3.91 3.17 -31.23
C THR A 86 4.45 3.28 -29.82
N ASP A 87 3.60 3.51 -28.80
CA ASP A 87 4.01 3.37 -27.40
C ASP A 87 4.22 1.94 -26.95
N SER A 88 3.71 1.00 -27.75
CA SER A 88 3.90 -0.39 -27.48
C SER A 88 5.40 -0.72 -27.21
N GLY A 89 5.67 -1.45 -26.14
CA GLY A 89 7.04 -1.77 -25.74
C GLY A 89 7.15 -2.25 -24.33
N LEU A 90 8.38 -2.45 -23.86
CA LEU A 90 8.64 -2.93 -22.50
C LEU A 90 9.06 -1.69 -21.67
N TYR A 91 8.49 -1.57 -20.47
CA TYR A 91 8.73 -0.45 -19.57
C TYR A 91 8.94 -0.97 -18.17
N ARG A 92 9.53 -0.16 -17.31
CA ARG A 92 9.59 -0.51 -15.92
C ARG A 92 9.65 0.72 -15.07
N CYS A 93 9.24 0.57 -13.82
CA CYS A 93 9.51 1.54 -12.75
C CYS A 93 10.77 1.10 -12.01
N VAL A 94 11.60 2.07 -11.64
CA VAL A 94 12.86 1.79 -10.98
C VAL A 94 13.18 2.79 -9.90
N ILE A 95 13.99 2.33 -8.97
CA ILE A 95 14.82 3.24 -8.15
C ILE A 95 15.94 3.70 -9.09
N TYR A 96 16.04 5.01 -9.24
CA TYR A 96 16.95 5.69 -10.11
C TYR A 96 18.08 6.39 -9.38
N HIS A 97 19.29 5.90 -9.61
CA HIS A 97 20.48 6.38 -8.93
C HIS A 97 21.73 6.19 -9.77
N PRO A 98 21.82 6.85 -10.92
CA PRO A 98 22.98 6.65 -11.79
C PRO A 98 24.25 7.26 -11.14
N PRO A 99 25.43 6.73 -11.42
CA PRO A 99 25.63 5.62 -12.37
C PRO A 99 25.38 4.22 -11.81
N ASN A 100 24.86 4.05 -10.59
CA ASN A 100 24.48 2.72 -10.12
C ASN A 100 23.35 2.14 -11.02
N ASP A 101 23.30 0.80 -11.15
CA ASP A 101 22.22 0.11 -11.87
C ASP A 101 20.91 0.45 -11.17
N PRO A 102 19.87 0.73 -11.94
CA PRO A 102 18.54 0.95 -11.36
C PRO A 102 18.07 -0.31 -10.61
N VAL A 103 17.28 -0.12 -9.57
CA VAL A 103 16.64 -1.23 -8.87
C VAL A 103 15.25 -1.31 -9.45
N VAL A 104 14.91 -2.45 -10.02
CA VAL A 104 13.59 -2.63 -10.63
C VAL A 104 12.53 -2.83 -9.55
N LEU A 105 11.50 -2.00 -9.56
CA LEU A 105 10.32 -2.16 -8.74
C LEU A 105 9.28 -3.02 -9.47
N PHE A 106 8.38 -3.66 -8.73
CA PHE A 106 7.22 -4.26 -9.35
C PHE A 106 7.75 -5.32 -10.31
N HIS A 107 7.24 -5.32 -11.57
CA HIS A 107 7.79 -6.18 -12.60
C HIS A 107 7.70 -5.40 -13.93
N PRO A 108 8.51 -5.76 -14.91
CA PRO A 108 8.41 -5.10 -16.20
C PRO A 108 6.98 -5.22 -16.73
N VAL A 109 6.59 -4.20 -17.46
CA VAL A 109 5.28 -4.01 -18.03
C VAL A 109 5.45 -4.10 -19.52
N ARG A 110 4.85 -5.08 -20.16
CA ARG A 110 4.82 -5.21 -21.62
C ARG A 110 3.50 -4.55 -22.05
N LEU A 111 3.62 -3.34 -22.55
CA LEU A 111 2.49 -2.58 -23.06
C LEU A 111 2.26 -2.89 -24.52
N VAL A 112 1.06 -3.36 -24.81
CA VAL A 112 0.60 -3.63 -26.19
C VAL A 112 -0.61 -2.78 -26.47
N VAL A 113 -0.43 -1.79 -27.34
CA VAL A 113 -1.48 -0.86 -27.71
C VAL A 113 -1.92 -1.14 -29.13
N THR A 114 -3.22 -1.29 -29.36
CA THR A 114 -3.70 -1.55 -30.72
C THR A 114 -4.65 -0.47 -31.26
N GLU B 5 -19.27 7.38 9.98
CA GLU B 5 -17.99 6.92 9.42
C GLU B 5 -17.67 5.46 9.81
N GLU B 6 -18.48 4.83 10.65
CA GLU B 6 -18.32 3.38 10.85
C GLU B 6 -18.81 2.60 9.63
N GLU B 7 -18.14 1.49 9.32
CA GLU B 7 -18.54 0.59 8.25
C GLU B 7 -19.08 -0.69 8.87
N ARG B 8 -20.23 -1.14 8.38
CA ARG B 8 -20.88 -2.33 8.89
C ARG B 8 -20.27 -3.57 8.23
N TYR B 9 -20.00 -4.60 9.02
CA TYR B 9 -19.60 -5.90 8.50
C TYR B 9 -20.55 -6.95 9.06
N ASP B 10 -21.27 -7.62 8.18
CA ASP B 10 -22.40 -8.46 8.54
C ASP B 10 -22.05 -9.89 8.23
N LEU B 11 -21.76 -10.69 9.24
CA LEU B 11 -21.34 -12.08 9.03
C LEU B 11 -22.11 -13.06 9.91
N VAL B 12 -21.90 -14.34 9.63
CA VAL B 12 -22.55 -15.45 10.31
C VAL B 12 -21.53 -16.09 11.25
N GLU B 13 -22.03 -16.50 12.40
CA GLU B 13 -21.22 -17.13 13.39
C GLU B 13 -20.48 -18.31 12.75
N GLY B 14 -19.19 -18.37 13.02
CA GLY B 14 -18.34 -19.44 12.54
C GLY B 14 -17.49 -18.98 11.37
N GLN B 15 -17.86 -17.87 10.75
CA GLN B 15 -17.08 -17.31 9.65
C GLN B 15 -15.90 -16.57 10.25
N THR B 16 -14.99 -16.17 9.37
CA THR B 16 -13.85 -15.31 9.73
C THR B 16 -14.08 -13.93 9.23
N LEU B 17 -13.90 -12.93 10.11
CA LEU B 17 -13.83 -11.53 9.70
C LEU B 17 -12.42 -11.24 9.21
N THR B 18 -12.29 -10.62 8.04
CA THR B 18 -11.01 -10.07 7.60
C THR B 18 -11.21 -8.61 7.39
N VAL B 19 -10.34 -7.79 7.97
CA VAL B 19 -10.37 -6.33 7.74
C VAL B 19 -8.98 -5.83 7.27
N LYS B 20 -8.95 -5.04 6.22
CA LYS B 20 -7.71 -4.41 5.77
C LYS B 20 -7.74 -2.92 6.10
N CYS B 21 -6.73 -2.46 6.85
CA CYS B 21 -6.66 -1.08 7.30
C CYS B 21 -5.40 -0.43 6.77
N PRO B 22 -5.50 0.41 5.76
CA PRO B 22 -4.35 1.19 5.36
C PRO B 22 -3.86 2.09 6.47
N PHE B 23 -2.57 2.32 6.49
CA PHE B 23 -1.99 3.34 7.33
C PHE B 23 -0.94 4.13 6.56
N ASN B 24 -0.68 5.35 7.01
CA ASN B 24 0.28 6.26 6.39
C ASN B 24 1.67 5.80 6.81
N ILE B 25 2.32 5.04 5.96
CA ILE B 25 3.61 4.46 6.31
C ILE B 25 4.70 5.51 6.32
N MET B 26 4.51 6.66 5.67
CA MET B 26 5.43 7.77 5.81
C MET B 26 5.47 8.22 7.28
N LYS B 27 4.30 8.44 7.86
CA LYS B 27 4.22 8.95 9.23
C LYS B 27 4.42 7.86 10.32
N TYR B 28 3.97 6.62 10.04
CA TYR B 28 3.84 5.59 11.10
C TYR B 28 4.60 4.27 10.85
N ALA B 29 5.62 4.30 10.01
CA ALA B 29 6.37 3.09 9.69
C ALA B 29 6.94 2.44 10.95
N ASN B 30 7.45 3.29 11.85
CA ASN B 30 8.08 2.86 13.10
C ASN B 30 7.13 3.15 14.26
N SER B 31 5.91 2.65 14.13
CA SER B 31 4.91 2.75 15.16
C SER B 31 4.33 1.38 15.41
N GLN B 32 3.89 1.15 16.64
CA GLN B 32 3.07 -0.02 16.96
C GLN B 32 1.67 0.21 16.46
N LYS B 33 1.00 -0.85 16.04
CA LYS B 33 -0.40 -0.77 15.64
C LYS B 33 -1.19 -1.75 16.49
N ALA B 34 -2.49 -1.50 16.62
CA ALA B 34 -3.34 -2.31 17.46
C ALA B 34 -4.75 -2.49 16.87
N TRP B 35 -5.38 -3.61 17.20
CA TRP B 35 -6.82 -3.82 16.96
C TRP B 35 -7.53 -3.69 18.32
N GLN B 36 -8.51 -2.81 18.42
CA GLN B 36 -9.21 -2.59 19.70
C GLN B 36 -10.72 -2.82 19.55
N ARG B 37 -11.36 -3.19 20.65
CA ARG B 37 -12.80 -3.22 20.77
C ARG B 37 -13.19 -1.94 21.53
N LEU B 38 -14.35 -1.39 21.22
CA LEU B 38 -14.81 -0.13 21.80
C LEU B 38 -16.15 -0.36 22.49
N PRO B 39 -16.12 -0.88 23.72
CA PRO B 39 -17.37 -1.05 24.49
C PRO B 39 -17.89 0.31 24.92
N ASP B 40 -19.21 0.46 24.91
CA ASP B 40 -19.82 1.75 25.26
C ASP B 40 -19.48 2.10 26.72
N GLY B 41 -19.00 3.33 26.95
CA GLY B 41 -18.81 3.88 28.29
C GLY B 41 -17.52 3.48 28.98
N LYS B 42 -16.68 2.71 28.29
CA LYS B 42 -15.47 2.10 28.87
C LYS B 42 -14.25 2.49 28.06
N GLU B 43 -13.07 2.28 28.65
CA GLU B 43 -11.84 2.52 27.91
C GLU B 43 -11.81 1.52 26.76
N PRO B 44 -11.18 1.89 25.66
CA PRO B 44 -10.89 0.92 24.60
C PRO B 44 -10.25 -0.35 25.21
N LEU B 45 -10.56 -1.51 24.63
CA LEU B 45 -9.91 -2.78 24.98
C LEU B 45 -8.91 -3.13 23.89
N THR B 46 -7.65 -3.23 24.24
CA THR B 46 -6.60 -3.54 23.28
C THR B 46 -6.47 -5.05 23.16
N LEU B 47 -6.74 -5.57 21.96
CA LEU B 47 -6.92 -7.00 21.71
C LEU B 47 -5.66 -7.70 21.24
N VAL B 48 -4.95 -7.02 20.34
CA VAL B 48 -3.71 -7.50 19.78
C VAL B 48 -2.94 -6.30 19.30
N VAL B 49 -1.62 -6.38 19.44
CA VAL B 49 -0.72 -5.34 19.02
C VAL B 49 0.36 -5.95 18.11
N THR B 50 0.95 -5.13 17.25
CA THR B 50 2.07 -5.60 16.40
C THR B 50 3.31 -5.84 17.25
N GLN B 51 4.29 -6.58 16.73
CA GLN B 51 5.51 -6.86 17.49
C GLN B 51 6.73 -6.12 16.92
N ARG B 52 7.71 -5.85 17.79
CA ARG B 52 8.98 -5.24 17.41
C ARG B 52 9.82 -6.18 16.54
N PRO B 53 10.64 -5.66 15.61
CA PRO B 53 10.70 -4.24 15.22
C PRO B 53 9.49 -3.77 14.43
N PHE B 54 9.04 -2.56 14.71
CA PHE B 54 7.73 -2.14 14.23
C PHE B 54 7.68 -1.91 12.72
N THR B 55 8.83 -1.60 12.13
CA THR B 55 8.95 -1.40 10.68
C THR B 55 8.84 -2.67 9.85
N ARG B 56 9.04 -3.81 10.48
CA ARG B 56 9.15 -5.05 9.76
C ARG B 56 7.80 -5.70 9.60
N PRO B 57 7.60 -6.42 8.49
CA PRO B 57 6.42 -7.27 8.32
C PRO B 57 6.34 -8.32 9.42
N SER B 58 5.14 -8.53 9.91
CA SER B 58 4.93 -9.51 10.96
C SER B 58 3.51 -9.99 11.00
N GLU B 59 3.31 -11.07 11.74
CA GLU B 59 2.01 -11.71 11.88
C GLU B 59 1.93 -12.17 13.31
N VAL B 60 1.00 -11.61 14.07
CA VAL B 60 0.80 -11.97 15.47
C VAL B 60 -0.52 -12.78 15.59
N HIS B 61 -0.46 -13.95 16.27
CA HIS B 61 -1.62 -14.82 16.55
C HIS B 61 -1.85 -14.83 18.04
N MET B 62 -3.04 -14.37 18.44
CA MET B 62 -3.48 -14.23 19.85
C MET B 62 -4.95 -14.68 19.98
N GLY B 63 -5.16 -15.91 20.45
CA GLY B 63 -6.49 -16.52 20.47
C GLY B 63 -7.09 -16.52 19.07
N LYS B 64 -8.22 -15.84 18.92
CA LYS B 64 -8.95 -15.84 17.67
C LYS B 64 -8.55 -14.69 16.75
N PHE B 65 -7.62 -13.85 17.22
CA PHE B 65 -7.17 -12.67 16.50
C PHE B 65 -5.85 -12.93 15.75
N THR B 66 -5.74 -12.38 14.54
CA THR B 66 -4.47 -12.37 13.85
C THR B 66 -4.32 -10.98 13.34
N LEU B 67 -3.14 -10.42 13.60
CA LEU B 67 -2.78 -9.11 13.11
C LEU B 67 -1.59 -9.24 12.13
N LYS B 68 -1.78 -8.87 10.89
CA LYS B 68 -0.71 -8.90 9.91
C LYS B 68 -0.29 -7.46 9.66
N HIS B 69 1.00 -7.18 9.86
CA HIS B 69 1.61 -5.91 9.48
C HIS B 69 2.27 -6.14 8.15
N ASP B 70 1.77 -5.45 7.12
CA ASP B 70 2.21 -5.61 5.77
C ASP B 70 2.68 -4.26 5.24
N PRO B 71 3.89 -3.84 5.59
CA PRO B 71 4.38 -2.51 5.16
C PRO B 71 4.62 -2.42 3.69
N SER B 72 4.81 -3.55 3.00
CA SER B 72 4.90 -3.51 1.54
C SER B 72 3.66 -2.89 0.91
N GLU B 73 2.52 -3.21 1.48
CA GLU B 73 1.24 -2.65 1.04
C GLU B 73 0.72 -1.51 1.99
N ALA B 74 1.59 -0.95 2.82
CA ALA B 74 1.20 0.09 3.77
C ALA B 74 -0.12 -0.25 4.46
N MET B 75 -0.26 -1.49 4.92
CA MET B 75 -1.48 -1.88 5.60
C MET B 75 -1.32 -2.93 6.69
N LEU B 76 -2.34 -2.94 7.52
CA LEU B 76 -2.56 -3.92 8.52
C LEU B 76 -3.76 -4.78 8.07
N GLN B 77 -3.75 -6.09 8.35
CA GLN B 77 -4.90 -6.95 8.13
C GLN B 77 -5.21 -7.63 9.43
N VAL B 78 -6.46 -7.56 9.85
CA VAL B 78 -6.91 -8.25 11.06
C VAL B 78 -7.79 -9.37 10.62
N GLN B 79 -7.67 -10.52 11.27
CA GLN B 79 -8.59 -11.61 11.07
C GLN B 79 -9.07 -12.04 12.42
N MET B 80 -10.39 -12.16 12.57
CA MET B 80 -10.99 -12.80 13.71
C MET B 80 -11.66 -14.07 13.24
N THR B 81 -11.28 -15.20 13.82
CA THR B 81 -11.81 -16.48 13.37
C THR B 81 -12.92 -16.90 14.27
N ASP B 82 -13.71 -17.84 13.73
CA ASP B 82 -14.76 -18.50 14.53
C ASP B 82 -15.59 -17.48 15.32
N LEU B 83 -16.15 -16.53 14.56
CA LEU B 83 -16.95 -15.47 15.13
C LEU B 83 -18.14 -16.07 15.84
N GLN B 84 -18.42 -15.52 17.01
CA GLN B 84 -19.58 -15.85 17.78
C GLN B 84 -20.44 -14.58 17.84
N VAL B 85 -21.70 -14.78 18.18
CA VAL B 85 -22.67 -13.69 18.25
C VAL B 85 -22.18 -12.57 19.20
N THR B 86 -21.60 -12.97 20.31
CA THR B 86 -21.07 -12.04 21.30
C THR B 86 -19.83 -11.23 20.89
N ASP B 87 -19.31 -11.46 19.69
CA ASP B 87 -18.18 -10.69 19.18
C ASP B 87 -18.68 -9.40 18.57
N SER B 88 -19.97 -9.34 18.35
CA SER B 88 -20.66 -8.17 17.84
C SER B 88 -20.28 -6.95 18.66
N GLY B 89 -19.98 -5.85 17.99
CA GLY B 89 -19.62 -4.63 18.67
C GLY B 89 -18.83 -3.75 17.75
N LEU B 90 -18.22 -2.72 18.30
CA LEU B 90 -17.46 -1.73 17.55
C LEU B 90 -15.98 -1.98 17.78
N TYR B 91 -15.23 -1.98 16.69
CA TYR B 91 -13.81 -2.23 16.70
C TYR B 91 -13.05 -1.17 15.91
N ARG B 92 -11.75 -1.13 16.06
CA ARG B 92 -10.94 -0.32 15.19
C ARG B 92 -9.49 -0.71 15.19
N CYS B 93 -8.82 -0.37 14.08
CA CYS B 93 -7.36 -0.36 14.01
C CYS B 93 -6.81 0.99 14.40
N VAL B 94 -5.73 1.01 15.14
CA VAL B 94 -5.11 2.25 15.55
C VAL B 94 -3.57 2.16 15.51
N ILE B 95 -2.94 3.32 15.43
CA ILE B 95 -1.55 3.44 15.82
C ILE B 95 -1.62 3.52 17.33
N TYR B 96 -0.92 2.58 17.97
CA TYR B 96 -0.91 2.41 19.40
C TYR B 96 0.38 2.98 20.00
N HIS B 97 0.24 3.89 20.96
CA HIS B 97 1.41 4.53 21.57
C HIS B 97 1.03 5.27 22.82
N PRO B 98 1.13 4.46 23.88
CA PRO B 98 0.58 5.05 25.00
C PRO B 98 0.89 5.57 26.35
N PRO B 99 0.81 6.85 26.14
CA PRO B 99 0.04 7.62 27.12
C PRO B 99 -0.67 8.53 26.06
N ASN B 100 -0.11 8.59 24.80
CA ASN B 100 -0.76 9.48 23.85
C ASN B 100 -2.02 8.85 23.27
N ASP B 101 -2.88 9.69 22.68
CA ASP B 101 -4.11 9.22 22.06
C ASP B 101 -3.76 8.23 20.95
N PRO B 102 -4.47 7.11 20.86
CA PRO B 102 -4.36 6.27 19.65
C PRO B 102 -4.72 7.13 18.45
N VAL B 103 -4.22 6.80 17.26
CA VAL B 103 -4.65 7.45 16.04
C VAL B 103 -5.47 6.42 15.31
N VAL B 104 -6.70 6.78 14.95
CA VAL B 104 -7.61 5.83 14.36
C VAL B 104 -7.25 5.71 12.90
N LEU B 105 -7.14 4.47 12.43
CA LEU B 105 -6.81 4.19 11.05
C LEU B 105 -8.12 3.82 10.37
N PHE B 106 -8.19 4.01 9.05
CA PHE B 106 -9.27 3.43 8.28
C PHE B 106 -10.52 4.05 8.89
N HIS B 107 -11.44 3.24 9.34
CA HIS B 107 -12.56 3.72 10.12
C HIS B 107 -13.05 2.60 11.01
N PRO B 108 -13.84 2.93 12.02
CA PRO B 108 -14.40 1.92 12.92
C PRO B 108 -15.21 0.87 12.17
N VAL B 109 -15.16 -0.34 12.68
CA VAL B 109 -15.73 -1.52 12.08
C VAL B 109 -16.87 -1.91 13.02
N ARG B 110 -18.10 -1.82 12.56
CA ARG B 110 -19.23 -2.25 13.36
C ARG B 110 -19.48 -3.67 12.92
N LEU B 111 -19.11 -4.63 13.75
CA LEU B 111 -19.24 -6.01 13.37
C LEU B 111 -20.55 -6.57 13.95
N VAL B 112 -21.43 -7.11 13.10
CA VAL B 112 -22.66 -7.74 13.55
C VAL B 112 -22.62 -9.20 13.10
N VAL B 113 -22.64 -10.11 14.07
CA VAL B 113 -22.59 -11.55 13.86
C VAL B 113 -23.91 -12.21 14.30
N THR B 114 -24.48 -13.01 13.40
CA THR B 114 -25.79 -13.64 13.64
C THR B 114 -25.72 -15.19 13.62
#